data_9IJA
#
_entry.id   9IJA
#
loop_
_entity.id
_entity.type
_entity.pdbx_description
1 polymer 'Taste receptor type 2 member 14'
2 non-polymer 4-methyl-N-[(2M)-2-(1H-tetrazol-5-yl)phenyl]-6-(trifluoromethyl)pyrimidin-2-amine
3 non-polymer CHOLESTEROL
#
_entity_poly.entity_id   1
_entity_poly.type   'polypeptide(L)'
_entity_poly.pdbx_seq_one_letter_code
;MGGVIKSIFTFVLIVEFIIGNLGNSFIALVNCIDWVKGRKISSVDRILTALAISRISLVWLIFGSWCVSVFFPALFATEK
MFRMLTNIWTVINHFSVWLATGLGTFYFLKIANFSNSIFLYLKWRVKKVVLVLLLVTSVFLFLNIALINIHINASINGYR
RNKTCSSDSSNFTRFSSLIVLTSTVFIFIPFTLSLAMFLLLIFSMWKHRKKMQHTVKISGDASTKAHRGVKSVITFFLLY
AIFSLSFFISVWTSERLEENLIILSQVMGMAYPSCHSCVLILGNKKLRQASLSVLLWLRYMFKDGEPSGHKEFRESS
;
_entity_poly.pdbx_strand_id   R
#
loop_
_chem_comp.id
_chem_comp.type
_chem_comp.name
_chem_comp.formula
A1AEI non-polymer 4-methyl-N-[(2M)-2-(1H-tetrazol-5-yl)phenyl]-6-(trifluoromethyl)pyrimidin-2-amine 'C13 H10 F3 N7'
CLR non-polymer CHOLESTEROL 'C27 H46 O'
#
# COMPACT_ATOMS: atom_id res chain seq x y z
N MET A 1 -18.54 -22.11 16.19
CA MET A 1 -17.92 -21.90 14.89
C MET A 1 -17.62 -20.42 14.66
N GLY A 2 -18.63 -19.58 14.85
CA GLY A 2 -18.44 -18.14 14.68
C GLY A 2 -17.52 -17.53 15.71
N GLY A 3 -17.61 -18.02 16.96
CA GLY A 3 -16.78 -17.46 18.03
C GLY A 3 -15.31 -17.73 17.85
N VAL A 4 -14.95 -18.97 17.49
CA VAL A 4 -13.54 -19.30 17.27
C VAL A 4 -13.01 -18.61 16.02
N ILE A 5 -13.85 -18.44 15.00
CA ILE A 5 -13.46 -17.71 13.79
C ILE A 5 -13.19 -16.25 14.11
N LYS A 6 -14.06 -15.64 14.92
CA LYS A 6 -13.85 -14.25 15.31
C LYS A 6 -12.64 -14.10 16.21
N SER A 7 -12.36 -15.09 17.06
CA SER A 7 -11.15 -15.04 17.88
C SER A 7 -9.89 -15.16 17.02
N ILE A 8 -9.92 -16.03 16.02
CA ILE A 8 -8.78 -16.18 15.11
C ILE A 8 -8.54 -14.90 14.33
N PHE A 9 -9.62 -14.29 13.82
CA PHE A 9 -9.49 -13.02 13.11
C PHE A 9 -9.04 -11.88 14.02
N THR A 10 -9.44 -11.91 15.29
CA THR A 10 -8.96 -10.91 16.25
C THR A 10 -7.46 -11.07 16.50
N PHE A 11 -7.00 -12.32 16.62
CA PHE A 11 -5.57 -12.56 16.78
C PHE A 11 -4.79 -12.11 15.55
N VAL A 12 -5.36 -12.34 14.36
CA VAL A 12 -4.76 -11.89 13.11
C VAL A 12 -4.65 -10.37 13.10
N LEU A 13 -5.71 -9.68 13.54
CA LEU A 13 -5.70 -8.22 13.53
C LEU A 13 -4.68 -7.68 14.52
N ILE A 14 -4.54 -8.31 15.68
CA ILE A 14 -3.53 -7.88 16.64
C ILE A 14 -2.12 -8.06 16.07
N VAL A 15 -1.88 -9.21 15.44
CA VAL A 15 -0.56 -9.50 14.86
C VAL A 15 -0.23 -8.51 13.76
N GLU A 16 -1.19 -8.21 12.88
CA GLU A 16 -0.91 -7.30 11.78
C GLU A 16 -0.85 -5.86 12.23
N PHE A 17 -1.54 -5.48 13.30
CA PHE A 17 -1.35 -4.16 13.89
C PHE A 17 0.07 -4.02 14.42
N ILE A 18 0.56 -5.05 15.12
CA ILE A 18 1.91 -5.01 15.67
C ILE A 18 2.95 -4.90 14.55
N ILE A 19 2.79 -5.74 13.52
CA ILE A 19 3.74 -5.76 12.41
C ILE A 19 3.71 -4.45 11.64
N GLY A 20 2.51 -3.92 11.36
CA GLY A 20 2.42 -2.69 10.61
C GLY A 20 2.95 -1.49 11.36
N ASN A 21 2.61 -1.38 12.65
CA ASN A 21 3.13 -0.29 13.46
C ASN A 21 4.65 -0.36 13.57
N LEU A 22 5.20 -1.56 13.79
CA LEU A 22 6.64 -1.71 13.90
C LEU A 22 7.34 -1.36 12.58
N GLY A 23 6.82 -1.84 11.45
CA GLY A 23 7.48 -1.60 10.18
C GLY A 23 7.41 -0.13 9.74
N ASN A 24 6.23 0.47 9.83
CA ASN A 24 6.11 1.86 9.39
C ASN A 24 6.80 2.81 10.37
N SER A 25 6.76 2.49 11.66
CA SER A 25 7.53 3.26 12.65
C SER A 25 9.01 3.13 12.39
N PHE A 26 9.47 1.94 11.98
CA PHE A 26 10.89 1.76 11.68
C PHE A 26 11.31 2.58 10.47
N ILE A 27 10.46 2.64 9.43
CA ILE A 27 10.77 3.43 8.24
C ILE A 27 10.86 4.91 8.60
N ALA A 28 9.84 5.43 9.31
CA ALA A 28 9.83 6.84 9.67
C ALA A 28 10.95 7.19 10.63
N LEU A 29 11.24 6.29 11.58
CA LEU A 29 12.27 6.53 12.58
C LEU A 29 13.66 6.50 11.97
N VAL A 30 13.91 5.58 11.03
CA VAL A 30 15.20 5.52 10.36
C VAL A 30 15.42 6.77 9.53
N ASN A 31 14.39 7.21 8.80
CA ASN A 31 14.53 8.43 8.02
C ASN A 31 14.69 9.66 8.90
N CYS A 32 14.03 9.68 10.07
CA CYS A 32 14.15 10.80 10.99
C CYS A 32 15.54 10.87 11.62
N ILE A 33 16.10 9.73 12.01
CA ILE A 33 17.46 9.69 12.54
C ILE A 33 18.46 10.12 11.47
N ASP A 34 18.29 9.64 10.24
CA ASP A 34 19.17 10.06 9.16
C ASP A 34 19.02 11.54 8.83
N TRP A 35 17.84 12.11 9.08
CA TRP A 35 17.69 13.55 8.85
C TRP A 35 18.33 14.38 9.95
N VAL A 36 18.14 13.99 11.22
CA VAL A 36 18.66 14.82 12.30
C VAL A 36 20.17 14.66 12.44
N LYS A 37 20.72 13.52 12.05
CA LYS A 37 22.16 13.31 12.11
C LYS A 37 22.84 13.66 10.79
N GLY A 38 22.49 14.83 10.24
CA GLY A 38 23.13 15.45 9.09
C GLY A 38 23.49 14.60 7.89
N ARG A 39 22.51 13.90 7.32
CA ARG A 39 22.75 13.04 6.18
C ARG A 39 21.75 13.35 5.07
N LYS A 40 22.16 13.08 3.84
CA LYS A 40 21.34 13.40 2.68
C LYS A 40 20.13 12.47 2.60
N ILE A 41 19.03 13.02 2.09
CA ILE A 41 17.77 12.29 1.96
C ILE A 41 17.36 12.34 0.49
N SER A 42 17.20 11.17 -0.11
CA SER A 42 16.77 11.07 -1.50
C SER A 42 15.27 11.32 -1.61
N SER A 43 14.80 11.49 -2.84
CA SER A 43 13.37 11.68 -3.07
C SER A 43 12.58 10.41 -2.78
N VAL A 44 13.17 9.24 -3.05
CA VAL A 44 12.54 7.97 -2.72
C VAL A 44 12.34 7.87 -1.22
N ASP A 45 13.30 8.37 -0.44
CA ASP A 45 13.18 8.35 1.02
C ASP A 45 12.06 9.26 1.51
N ARG A 46 11.87 10.42 0.86
CA ARG A 46 10.76 11.29 1.20
C ARG A 46 9.41 10.64 0.90
N ILE A 47 9.30 9.99 -0.26
CA ILE A 47 8.05 9.28 -0.57
C ILE A 47 7.83 8.12 0.40
N LEU A 48 8.89 7.43 0.78
CA LEU A 48 8.77 6.29 1.69
C LEU A 48 8.35 6.74 3.08
N THR A 49 8.87 7.87 3.57
CA THR A 49 8.44 8.33 4.88
C THR A 49 7.04 8.92 4.84
N ALA A 50 6.61 9.44 3.68
CA ALA A 50 5.21 9.84 3.51
C ALA A 50 4.29 8.63 3.60
N LEU A 51 4.66 7.53 2.92
CA LEU A 51 3.88 6.28 3.04
C LEU A 51 3.87 5.79 4.48
N ALA A 52 5.00 5.87 5.17
CA ALA A 52 5.07 5.37 6.54
C ALA A 52 4.16 6.16 7.48
N ILE A 53 4.14 7.49 7.32
CA ILE A 53 3.27 8.33 8.16
C ILE A 53 1.80 8.03 7.87
N SER A 54 1.45 7.94 6.58
CA SER A 54 0.06 7.67 6.21
C SER A 54 -0.40 6.30 6.68
N ARG A 55 0.49 5.30 6.62
CA ARG A 55 0.11 3.97 7.04
C ARG A 55 0.04 3.83 8.55
N ILE A 56 0.87 4.56 9.29
CA ILE A 56 0.71 4.65 10.74
C ILE A 56 -0.66 5.23 11.08
N SER A 57 -1.05 6.30 10.38
CA SER A 57 -2.36 6.91 10.61
C SER A 57 -3.49 5.94 10.30
N LEU A 58 -3.39 5.20 9.19
CA LEU A 58 -4.47 4.30 8.80
C LEU A 58 -4.59 3.11 9.75
N VAL A 59 -3.46 2.53 10.16
CA VAL A 59 -3.53 1.38 11.05
C VAL A 59 -3.98 1.82 12.45
N TRP A 60 -3.66 3.05 12.86
CA TRP A 60 -4.19 3.55 14.11
C TRP A 60 -5.68 3.81 14.02
N LEU A 61 -6.16 4.26 12.85
CA LEU A 61 -7.60 4.44 12.66
C LEU A 61 -8.35 3.14 12.79
N ILE A 62 -7.88 2.08 12.13
CA ILE A 62 -8.62 0.83 12.18
C ILE A 62 -8.50 0.16 13.56
N PHE A 63 -7.35 0.28 14.22
CA PHE A 63 -7.24 -0.27 15.57
C PHE A 63 -8.09 0.51 16.57
N GLY A 64 -8.15 1.84 16.44
CA GLY A 64 -9.03 2.61 17.29
C GLY A 64 -10.49 2.33 17.04
N SER A 65 -10.85 2.07 15.78
CA SER A 65 -12.21 1.67 15.45
C SER A 65 -12.56 0.34 16.10
N TRP A 66 -11.63 -0.62 16.09
CA TRP A 66 -11.89 -1.90 16.73
C TRP A 66 -11.96 -1.75 18.25
N CYS A 67 -11.13 -0.89 18.83
CA CYS A 67 -11.19 -0.65 20.27
C CYS A 67 -12.51 -0.01 20.68
N VAL A 68 -12.99 0.96 19.89
CA VAL A 68 -14.26 1.60 20.17
C VAL A 68 -15.41 0.60 20.02
N SER A 69 -15.35 -0.25 18.99
CA SER A 69 -16.41 -1.21 18.77
C SER A 69 -16.48 -2.27 19.87
N VAL A 70 -15.32 -2.75 20.33
CA VAL A 70 -15.32 -3.78 21.37
C VAL A 70 -15.69 -3.18 22.71
N PHE A 71 -15.07 -2.07 23.07
CA PHE A 71 -15.28 -1.51 24.40
C PHE A 71 -16.64 -0.83 24.53
N PHE A 72 -17.07 -0.09 23.51
CA PHE A 72 -18.29 0.71 23.56
C PHE A 72 -19.14 0.46 22.33
N PRO A 73 -19.91 -0.63 22.32
CA PRO A 73 -20.81 -0.86 21.17
C PRO A 73 -21.92 0.17 21.05
N ALA A 74 -22.38 0.73 22.18
CA ALA A 74 -23.40 1.77 22.13
C ALA A 74 -22.88 3.03 21.44
N LEU A 75 -21.62 3.38 21.70
CA LEU A 75 -20.99 4.47 20.95
C LEU A 75 -20.79 4.07 19.49
N PHE A 76 -20.54 2.79 19.23
CA PHE A 76 -20.25 2.35 17.87
C PHE A 76 -21.51 2.33 17.00
N ALA A 77 -22.68 2.18 17.61
CA ALA A 77 -23.91 2.10 16.83
C ALA A 77 -24.35 3.43 16.25
N THR A 78 -23.82 4.54 16.75
CA THR A 78 -24.29 5.86 16.34
C THR A 78 -23.88 6.16 14.90
N GLU A 79 -24.75 6.91 14.20
CA GLU A 79 -24.49 7.21 12.80
C GLU A 79 -23.39 8.26 12.66
N LYS A 80 -23.20 9.12 13.67
CA LYS A 80 -22.19 10.15 13.58
C LYS A 80 -20.79 9.56 13.57
N MET A 81 -20.51 8.64 14.49
CA MET A 81 -19.20 7.98 14.54
C MET A 81 -18.97 7.14 13.30
N PHE A 82 -20.03 6.49 12.81
CA PHE A 82 -19.92 5.65 11.62
C PHE A 82 -19.57 6.48 10.38
N ARG A 83 -20.28 7.58 10.17
CA ARG A 83 -19.99 8.44 9.02
C ARG A 83 -18.63 9.11 9.13
N MET A 84 -18.26 9.54 10.35
CA MET A 84 -16.95 10.17 10.55
C MET A 84 -15.82 9.18 10.29
N LEU A 85 -15.94 7.96 10.81
CA LEU A 85 -14.93 6.94 10.58
C LEU A 85 -14.83 6.58 9.10
N THR A 86 -15.98 6.48 8.42
CA THR A 86 -15.99 6.11 7.01
C THR A 86 -15.29 7.17 6.16
N ASN A 87 -15.61 8.44 6.38
CA ASN A 87 -15.03 9.51 5.57
C ASN A 87 -13.55 9.71 5.88
N ILE A 88 -13.17 9.63 7.16
CA ILE A 88 -11.75 9.80 7.51
C ILE A 88 -10.94 8.64 6.95
N TRP A 89 -11.49 7.41 7.01
CA TRP A 89 -10.80 6.27 6.42
C TRP A 89 -10.65 6.42 4.92
N THR A 90 -11.69 6.89 4.23
CA THR A 90 -11.56 6.95 2.77
C THR A 90 -10.59 8.04 2.34
N VAL A 91 -10.50 9.14 3.08
CA VAL A 91 -9.51 10.17 2.75
C VAL A 91 -8.09 9.66 2.96
N ILE A 92 -7.83 9.07 4.15
CA ILE A 92 -6.48 8.61 4.46
C ILE A 92 -6.06 7.45 3.57
N ASN A 93 -7.00 6.53 3.29
CA ASN A 93 -6.71 5.40 2.42
C ASN A 93 -6.44 5.82 0.99
N HIS A 94 -7.23 6.79 0.48
CA HIS A 94 -6.98 7.31 -0.87
C HIS A 94 -5.59 7.92 -0.97
N PHE A 95 -5.21 8.73 0.02
CA PHE A 95 -3.89 9.34 0.01
C PHE A 95 -2.78 8.31 0.09
N SER A 96 -2.95 7.29 0.93
CA SER A 96 -1.92 6.27 1.11
C SER A 96 -1.72 5.44 -0.16
N VAL A 97 -2.81 4.95 -0.75
CA VAL A 97 -2.66 4.08 -1.91
C VAL A 97 -2.21 4.88 -3.13
N TRP A 98 -2.63 6.13 -3.27
CA TRP A 98 -2.12 6.88 -4.40
C TRP A 98 -0.69 7.34 -4.19
N LEU A 99 -0.22 7.48 -2.94
CA LEU A 99 1.22 7.68 -2.72
C LEU A 99 2.02 6.43 -3.07
N ALA A 100 1.49 5.24 -2.78
CA ALA A 100 2.15 4.01 -3.19
C ALA A 100 2.24 3.91 -4.71
N THR A 101 1.17 4.28 -5.41
CA THR A 101 1.21 4.30 -6.86
C THR A 101 2.13 5.41 -7.39
N GLY A 102 2.27 6.51 -6.65
CA GLY A 102 3.24 7.52 -7.03
C GLY A 102 4.67 7.04 -6.90
N LEU A 103 4.97 6.28 -5.85
CA LEU A 103 6.28 5.66 -5.72
C LEU A 103 6.52 4.66 -6.84
N GLY A 104 5.48 3.92 -7.23
CA GLY A 104 5.60 3.03 -8.37
C GLY A 104 5.86 3.74 -9.67
N THR A 105 5.20 4.88 -9.88
CA THR A 105 5.45 5.71 -11.07
C THR A 105 6.86 6.28 -11.05
N PHE A 106 7.36 6.65 -9.86
CA PHE A 106 8.73 7.12 -9.72
C PHE A 106 9.72 6.04 -10.15
N TYR A 107 9.53 4.81 -9.65
CA TYR A 107 10.40 3.70 -10.05
C TYR A 107 10.32 3.44 -11.54
N PHE A 108 9.11 3.42 -12.09
CA PHE A 108 8.92 3.09 -13.50
C PHE A 108 9.51 4.15 -14.40
N LEU A 109 9.34 5.42 -14.07
CA LEU A 109 9.88 6.47 -14.92
C LEU A 109 11.38 6.59 -14.79
N LYS A 110 11.93 6.33 -13.59
CA LYS A 110 13.37 6.45 -13.42
C LYS A 110 14.11 5.28 -14.07
N ILE A 111 13.59 4.06 -13.94
CA ILE A 111 14.36 2.89 -14.32
C ILE A 111 14.12 2.46 -15.76
N ALA A 112 12.87 2.43 -16.21
CA ALA A 112 12.54 1.79 -17.48
C ALA A 112 13.04 2.61 -18.66
N ASN A 113 13.37 1.89 -19.74
CA ASN A 113 14.00 2.47 -20.92
C ASN A 113 13.13 2.15 -22.13
N PHE A 114 12.46 3.16 -22.67
CA PHE A 114 11.65 3.02 -23.87
C PHE A 114 12.00 4.15 -24.83
N SER A 115 11.63 3.94 -26.10
CA SER A 115 11.95 4.91 -27.16
C SER A 115 10.81 5.86 -27.47
N ASN A 116 9.69 5.78 -26.77
CA ASN A 116 8.56 6.64 -27.05
C ASN A 116 8.84 8.07 -26.60
N SER A 117 8.28 9.02 -27.35
CA SER A 117 8.50 10.43 -27.04
C SER A 117 7.71 10.86 -25.81
N ILE A 118 6.48 10.35 -25.67
CA ILE A 118 5.65 10.68 -24.52
C ILE A 118 6.26 10.09 -23.25
N PHE A 119 6.82 8.88 -23.35
CA PHE A 119 7.48 8.27 -22.21
C PHE A 119 8.69 9.07 -21.77
N LEU A 120 9.47 9.59 -22.73
CA LEU A 120 10.64 10.40 -22.38
C LEU A 120 10.22 11.73 -21.77
N TYR A 121 9.12 12.31 -22.29
CA TYR A 121 8.60 13.56 -21.75
C TYR A 121 8.16 13.39 -20.30
N LEU A 122 7.53 12.25 -19.98
CA LEU A 122 7.25 11.97 -18.57
C LEU A 122 8.51 11.58 -17.81
N LYS A 123 9.51 11.02 -18.50
CA LYS A 123 10.68 10.47 -17.84
C LYS A 123 11.62 11.56 -17.35
N TRP A 124 11.64 12.71 -18.00
CA TRP A 124 12.51 13.78 -17.54
C TRP A 124 11.80 14.79 -16.66
N ARG A 125 10.56 14.50 -16.26
CA ARG A 125 9.76 15.39 -15.41
C ARG A 125 9.07 14.58 -14.32
N VAL A 126 9.83 13.73 -13.62
CA VAL A 126 9.26 12.73 -12.71
C VAL A 126 8.57 13.38 -11.52
N LYS A 127 9.20 14.43 -10.95
CA LYS A 127 8.60 15.10 -9.79
C LYS A 127 7.31 15.80 -10.17
N LYS A 128 7.30 16.46 -11.33
CA LYS A 128 6.07 17.09 -11.83
C LYS A 128 5.01 16.04 -12.12
N VAL A 129 5.42 14.89 -12.65
CA VAL A 129 4.46 13.84 -13.00
C VAL A 129 3.83 13.24 -11.75
N VAL A 130 4.63 12.97 -10.71
CA VAL A 130 4.05 12.40 -9.50
C VAL A 130 3.20 13.41 -8.75
N LEU A 131 3.57 14.70 -8.78
CA LEU A 131 2.73 15.73 -8.17
C LEU A 131 1.42 15.89 -8.91
N VAL A 132 1.47 15.85 -10.24
CA VAL A 132 0.25 15.94 -11.05
C VAL A 132 -0.62 14.70 -10.84
N LEU A 133 0.00 13.53 -10.69
CA LEU A 133 -0.76 12.31 -10.43
C LEU A 133 -1.46 12.38 -9.08
N LEU A 134 -0.82 12.99 -8.08
CA LEU A 134 -1.47 13.15 -6.78
C LEU A 134 -2.61 14.16 -6.85
N LEU A 135 -2.41 15.27 -7.56
CA LEU A 135 -3.43 16.32 -7.58
C LEU A 135 -4.62 15.98 -8.49
N VAL A 136 -4.37 15.37 -9.64
CA VAL A 136 -5.44 15.06 -10.59
C VAL A 136 -6.34 13.96 -10.05
N THR A 137 -5.77 12.95 -9.39
CA THR A 137 -6.54 11.82 -8.87
C THR A 137 -7.41 12.17 -7.67
N SER A 138 -7.50 13.45 -7.28
CA SER A 138 -8.45 13.87 -6.26
C SER A 138 -9.89 13.84 -6.76
N VAL A 139 -10.09 13.79 -8.09
CA VAL A 139 -11.45 13.61 -8.60
C VAL A 139 -11.98 12.24 -8.22
N PHE A 140 -11.11 11.23 -8.17
CA PHE A 140 -11.49 9.92 -7.66
C PHE A 140 -11.89 10.00 -6.19
N LEU A 141 -11.17 10.81 -5.41
CA LEU A 141 -11.50 10.96 -3.99
C LEU A 141 -12.85 11.63 -3.81
N PHE A 142 -13.12 12.68 -4.61
CA PHE A 142 -14.40 13.38 -4.51
C PHE A 142 -15.55 12.48 -4.93
N LEU A 143 -15.37 11.71 -6.01
CA LEU A 143 -16.42 10.82 -6.46
C LEU A 143 -16.63 9.67 -5.48
N ASN A 144 -15.55 9.20 -4.85
CA ASN A 144 -15.66 8.14 -3.84
C ASN A 144 -16.42 8.65 -2.61
N ILE A 145 -16.07 9.84 -2.12
CA ILE A 145 -16.76 10.42 -0.97
C ILE A 145 -18.23 10.64 -1.30
N ALA A 146 -18.52 11.09 -2.52
CA ALA A 146 -19.89 11.30 -2.95
C ALA A 146 -20.69 10.00 -2.96
N LEU A 147 -20.14 8.95 -3.58
CA LEU A 147 -20.90 7.70 -3.67
C LEU A 147 -21.06 7.02 -2.31
N ILE A 148 -20.04 7.06 -1.45
CA ILE A 148 -20.18 6.52 -0.11
C ILE A 148 -21.24 7.29 0.68
N ASN A 149 -21.26 8.63 0.56
CA ASN A 149 -22.27 9.39 1.29
C ASN A 149 -23.67 9.14 0.75
N ILE A 150 -23.82 8.93 -0.56
CA ILE A 150 -25.10 8.54 -1.13
C ILE A 150 -25.55 7.19 -0.58
N HIS A 151 -24.62 6.23 -0.48
CA HIS A 151 -24.95 4.93 0.08
C HIS A 151 -25.33 5.02 1.55
N ILE A 152 -24.64 5.88 2.32
CA ILE A 152 -24.96 6.06 3.74
C ILE A 152 -26.36 6.66 3.89
N ASN A 153 -26.66 7.68 3.08
CA ASN A 153 -27.97 8.32 3.14
C ASN A 153 -29.07 7.35 2.75
N ALA A 154 -28.83 6.53 1.73
CA ALA A 154 -29.81 5.53 1.33
C ALA A 154 -30.00 4.48 2.43
N SER A 155 -28.91 4.10 3.10
CA SER A 155 -29.01 3.09 4.16
C SER A 155 -29.77 3.62 5.36
N ILE A 156 -29.53 4.87 5.75
CA ILE A 156 -30.23 5.42 6.90
C ILE A 156 -31.64 5.86 6.56
N ASN A 157 -31.96 6.05 5.27
CA ASN A 157 -33.32 6.37 4.89
C ASN A 157 -34.17 5.14 4.61
N GLY A 158 -33.55 4.01 4.27
CA GLY A 158 -34.28 2.78 4.03
C GLY A 158 -34.75 2.11 5.30
N ARG A 174 -24.95 1.76 6.87
CA ARG A 174 -25.11 0.42 7.44
C ARG A 174 -25.13 -0.63 6.33
N PHE A 175 -25.27 -0.18 5.08
CA PHE A 175 -25.32 -1.09 3.94
C PHE A 175 -23.89 -1.41 3.52
N SER A 176 -23.23 -2.19 4.38
CA SER A 176 -21.80 -2.47 4.23
C SER A 176 -21.53 -3.33 3.01
N SER A 177 -22.51 -4.10 2.56
CA SER A 177 -22.37 -4.93 1.37
C SER A 177 -22.16 -4.10 0.10
N LEU A 178 -22.51 -2.81 0.13
CA LEU A 178 -22.17 -1.91 -0.95
C LEU A 178 -21.09 -0.92 -0.60
N ILE A 179 -20.95 -0.56 0.69
CA ILE A 179 -19.84 0.32 1.10
C ILE A 179 -18.50 -0.35 0.82
N VAL A 180 -18.37 -1.62 1.22
CA VAL A 180 -17.14 -2.37 1.03
C VAL A 180 -16.85 -2.57 -0.46
N LEU A 181 -17.90 -2.82 -1.24
CA LEU A 181 -17.72 -3.00 -2.68
C LEU A 181 -17.25 -1.71 -3.35
N THR A 182 -17.82 -0.57 -2.97
CA THR A 182 -17.40 0.70 -3.57
C THR A 182 -15.95 1.04 -3.19
N SER A 183 -15.59 0.85 -1.91
CA SER A 183 -14.22 1.09 -1.51
C SER A 183 -13.24 0.15 -2.19
N THR A 184 -13.58 -1.14 -2.31
CA THR A 184 -12.70 -2.11 -2.94
C THR A 184 -12.52 -1.85 -4.43
N VAL A 185 -13.57 -1.37 -5.10
CA VAL A 185 -13.42 -0.91 -6.47
C VAL A 185 -12.47 0.28 -6.53
N PHE A 186 -12.59 1.21 -5.58
CA PHE A 186 -11.73 2.38 -5.60
C PHE A 186 -10.28 2.10 -5.20
N ILE A 187 -9.98 0.94 -4.61
CA ILE A 187 -8.58 0.56 -4.42
C ILE A 187 -8.02 -0.20 -5.63
N PHE A 188 -8.87 -0.77 -6.47
CA PHE A 188 -8.40 -1.57 -7.60
C PHE A 188 -7.72 -0.73 -8.67
N ILE A 189 -8.19 0.50 -8.89
CA ILE A 189 -7.63 1.34 -9.96
C ILE A 189 -6.15 1.69 -9.72
N PRO A 190 -5.74 2.18 -8.53
CA PRO A 190 -4.29 2.38 -8.33
C PRO A 190 -3.51 1.08 -8.30
N PHE A 191 -4.10 0.00 -7.80
CA PHE A 191 -3.44 -1.31 -7.82
C PHE A 191 -3.19 -1.79 -9.24
N THR A 192 -4.17 -1.61 -10.13
CA THR A 192 -4.00 -2.02 -11.52
C THR A 192 -2.98 -1.13 -12.22
N LEU A 193 -2.97 0.16 -11.91
CA LEU A 193 -1.95 1.05 -12.48
C LEU A 193 -0.55 0.65 -12.03
N SER A 194 -0.40 0.30 -10.75
CA SER A 194 0.90 -0.11 -10.23
C SER A 194 1.34 -1.45 -10.83
N LEU A 195 0.40 -2.39 -11.00
CA LEU A 195 0.73 -3.66 -11.63
C LEU A 195 1.12 -3.47 -13.09
N ALA A 196 0.43 -2.59 -13.80
CA ALA A 196 0.79 -2.32 -15.19
C ALA A 196 2.17 -1.70 -15.30
N MET A 197 2.50 -0.76 -14.41
CA MET A 197 3.83 -0.15 -14.41
C MET A 197 4.91 -1.17 -14.05
N PHE A 198 4.61 -2.09 -13.11
CA PHE A 198 5.56 -3.13 -12.76
C PHE A 198 5.81 -4.08 -13.92
N LEU A 199 4.75 -4.49 -14.62
CA LEU A 199 4.91 -5.39 -15.75
C LEU A 199 5.66 -4.72 -16.89
N LEU A 200 5.42 -3.43 -17.12
CA LEU A 200 6.16 -2.71 -18.15
C LEU A 200 7.65 -2.55 -17.78
N LEU A 201 7.93 -2.34 -16.50
CA LEU A 201 9.33 -2.27 -16.04
C LEU A 201 10.04 -3.61 -16.21
N ILE A 202 9.35 -4.71 -15.88
CA ILE A 202 9.93 -6.04 -16.07
C ILE A 202 10.17 -6.32 -17.55
N PHE A 203 9.24 -5.89 -18.41
CA PHE A 203 9.41 -6.06 -19.84
C PHE A 203 10.59 -5.26 -20.37
N SER A 204 10.77 -4.04 -19.84
CA SER A 204 11.91 -3.22 -20.24
C SER A 204 13.23 -3.86 -19.81
N MET A 205 13.28 -4.40 -18.59
CA MET A 205 14.50 -5.05 -18.11
C MET A 205 14.79 -6.33 -18.89
N TRP A 206 13.74 -7.07 -19.29
CA TRP A 206 13.94 -8.28 -20.07
C TRP A 206 14.42 -7.97 -21.48
N LYS A 207 13.86 -6.92 -22.09
CA LYS A 207 14.32 -6.48 -23.40
C LYS A 207 15.78 -6.03 -23.36
N HIS A 208 16.14 -5.29 -22.30
CA HIS A 208 17.52 -4.85 -22.14
C HIS A 208 18.46 -6.03 -21.90
N ARG A 209 18.01 -7.04 -21.15
CA ARG A 209 18.83 -8.23 -20.91
C ARG A 209 19.03 -9.03 -22.19
N LYS A 210 17.98 -9.15 -23.00
CA LYS A 210 18.11 -9.82 -24.30
C LYS A 210 19.03 -9.05 -25.23
N LYS A 211 19.04 -7.72 -25.13
CA LYS A 211 19.97 -6.94 -25.95
C LYS A 211 21.40 -7.07 -25.46
N MET A 212 21.61 -7.08 -24.14
CA MET A 212 22.96 -7.18 -23.59
C MET A 212 23.46 -8.61 -23.52
N GLN A 213 22.65 -9.59 -23.91
CA GLN A 213 23.13 -10.96 -23.95
C GLN A 213 23.60 -11.41 -25.34
N HIS A 214 23.37 -10.61 -26.39
CA HIS A 214 23.69 -11.03 -27.74
C HIS A 214 24.62 -10.09 -28.50
N THR A 215 24.63 -8.79 -28.18
CA THR A 215 25.61 -7.89 -28.77
C THR A 215 26.85 -7.79 -27.88
N VAL A 216 26.65 -7.40 -26.64
CA VAL A 216 27.74 -7.36 -25.67
C VAL A 216 27.82 -8.71 -24.95
N LYS A 217 29.04 -9.21 -24.77
CA LYS A 217 29.21 -10.52 -24.09
C LYS A 217 28.92 -10.35 -22.61
N ILE A 218 27.68 -10.03 -22.26
CA ILE A 218 27.30 -9.87 -20.83
C ILE A 218 28.42 -9.11 -20.11
N SER A 219 29.10 -9.75 -19.17
CA SER A 219 30.10 -9.01 -18.40
C SER A 219 31.31 -9.91 -18.20
N GLY A 220 32.46 -9.28 -18.01
CA GLY A 220 33.60 -10.00 -17.46
C GLY A 220 33.57 -10.12 -15.95
N ASP A 221 32.66 -9.40 -15.31
CA ASP A 221 32.50 -9.41 -13.86
C ASP A 221 31.23 -10.16 -13.45
N ALA A 222 30.08 -9.73 -13.99
CA ALA A 222 28.76 -10.34 -13.77
C ALA A 222 28.39 -10.39 -12.29
N SER A 223 28.65 -9.29 -11.58
CA SER A 223 28.35 -9.20 -10.16
C SER A 223 27.26 -8.17 -9.85
N THR A 224 27.46 -6.91 -10.24
CA THR A 224 26.46 -5.87 -9.99
C THR A 224 25.63 -5.67 -11.27
N LYS A 225 24.39 -6.16 -11.21
CA LYS A 225 23.41 -6.07 -12.28
C LYS A 225 22.06 -6.30 -11.61
N ALA A 226 21.04 -6.68 -12.37
CA ALA A 226 19.74 -7.04 -11.80
C ALA A 226 19.78 -8.30 -10.94
N HIS A 227 20.95 -8.94 -10.78
CA HIS A 227 21.09 -10.06 -9.86
C HIS A 227 20.85 -9.67 -8.41
N ARG A 228 21.00 -8.38 -8.07
CA ARG A 228 20.60 -7.89 -6.76
C ARG A 228 19.14 -7.47 -6.71
N GLY A 229 18.58 -7.05 -7.85
CA GLY A 229 17.20 -6.62 -7.89
C GLY A 229 16.19 -7.74 -8.06
N VAL A 230 16.65 -8.94 -8.43
CA VAL A 230 15.72 -10.05 -8.56
C VAL A 230 15.16 -10.46 -7.20
N LYS A 231 15.90 -10.21 -6.11
CA LYS A 231 15.36 -10.48 -4.77
C LYS A 231 14.16 -9.59 -4.48
N SER A 232 14.29 -8.29 -4.81
CA SER A 232 13.18 -7.35 -4.65
C SER A 232 12.02 -7.69 -5.59
N VAL A 233 12.33 -8.08 -6.83
CA VAL A 233 11.28 -8.43 -7.79
C VAL A 233 10.51 -9.67 -7.32
N ILE A 234 11.23 -10.66 -6.77
CA ILE A 234 10.58 -11.88 -6.31
C ILE A 234 9.72 -11.60 -5.07
N THR A 235 10.27 -10.86 -4.10
CA THR A 235 9.50 -10.57 -2.91
C THR A 235 8.38 -9.56 -3.16
N PHE A 236 8.37 -8.91 -4.31
CA PHE A 236 7.29 -8.02 -4.70
C PHE A 236 6.19 -8.76 -5.44
N PHE A 237 6.57 -9.64 -6.37
CA PHE A 237 5.61 -10.43 -7.11
C PHE A 237 4.90 -11.43 -6.21
N LEU A 238 5.60 -11.94 -5.19
CA LEU A 238 4.93 -12.78 -4.20
C LEU A 238 3.85 -12.01 -3.46
N LEU A 239 4.12 -10.75 -3.10
CA LEU A 239 3.14 -9.95 -2.39
C LEU A 239 1.94 -9.61 -3.27
N TYR A 240 2.19 -9.28 -4.55
CA TYR A 240 1.08 -9.09 -5.48
C TYR A 240 0.22 -10.34 -5.64
N ALA A 241 0.84 -11.51 -5.73
CA ALA A 241 0.06 -12.74 -5.88
C ALA A 241 -0.78 -13.02 -4.64
N ILE A 242 -0.16 -12.99 -3.46
CA ILE A 242 -0.88 -13.28 -2.22
C ILE A 242 -1.81 -12.16 -1.79
N PHE A 243 -1.76 -11.00 -2.44
CA PHE A 243 -2.73 -9.96 -2.14
C PHE A 243 -3.86 -9.88 -3.15
N SER A 244 -3.62 -10.25 -4.41
CA SER A 244 -4.72 -10.38 -5.35
C SER A 244 -5.58 -11.59 -5.01
N LEU A 245 -4.98 -12.65 -4.46
CA LEU A 245 -5.76 -13.77 -3.95
C LEU A 245 -6.68 -13.33 -2.83
N SER A 246 -6.19 -12.50 -1.91
CA SER A 246 -7.02 -12.02 -0.81
C SER A 246 -8.05 -10.98 -1.25
N PHE A 247 -7.73 -10.15 -2.24
CA PHE A 247 -8.73 -9.38 -2.99
C PHE A 247 -9.91 -10.22 -3.42
N PHE A 248 -9.63 -11.27 -4.21
CA PHE A 248 -10.69 -12.11 -4.75
C PHE A 248 -11.47 -12.81 -3.64
N ILE A 249 -10.76 -13.31 -2.62
CA ILE A 249 -11.39 -14.02 -1.52
C ILE A 249 -12.31 -13.09 -0.73
N SER A 250 -11.84 -11.88 -0.42
CA SER A 250 -12.65 -10.95 0.36
C SER A 250 -13.85 -10.47 -0.43
N VAL A 251 -13.69 -10.19 -1.74
CA VAL A 251 -14.83 -9.74 -2.53
C VAL A 251 -15.87 -10.83 -2.65
N TRP A 252 -15.45 -12.07 -2.90
CA TRP A 252 -16.39 -13.18 -3.02
C TRP A 252 -17.09 -13.45 -1.68
N THR A 253 -16.36 -13.40 -0.57
CA THR A 253 -16.98 -13.69 0.73
C THR A 253 -17.89 -12.57 1.19
N SER A 254 -17.55 -11.31 0.90
CA SER A 254 -18.44 -10.21 1.25
C SER A 254 -19.69 -10.20 0.38
N GLU A 255 -19.56 -10.63 -0.88
CA GLU A 255 -20.74 -10.68 -1.73
C GLU A 255 -21.66 -11.85 -1.38
N ARG A 256 -21.09 -13.02 -1.09
CA ARG A 256 -21.88 -14.25 -0.99
C ARG A 256 -22.88 -14.30 0.17
N LEU A 257 -22.41 -14.48 1.41
CA LEU A 257 -23.34 -14.73 2.50
C LEU A 257 -22.95 -14.19 3.87
N GLU A 258 -21.83 -13.47 4.02
CA GLU A 258 -21.23 -13.30 5.34
C GLU A 258 -21.99 -12.27 6.19
N GLU A 259 -22.15 -12.59 7.47
CA GLU A 259 -22.74 -11.69 8.46
C GLU A 259 -21.76 -11.33 9.57
N ASN A 260 -20.48 -11.66 9.40
CA ASN A 260 -19.41 -11.30 10.33
C ASN A 260 -18.46 -10.30 9.68
N LEU A 261 -19.04 -9.34 8.95
CA LEU A 261 -18.28 -8.55 7.99
C LEU A 261 -17.34 -7.57 8.64
N ILE A 262 -17.67 -7.08 9.83
CA ILE A 262 -16.97 -5.92 10.40
C ILE A 262 -15.53 -6.29 10.77
N ILE A 263 -15.36 -7.41 11.49
CA ILE A 263 -14.01 -7.80 11.93
C ILE A 263 -13.16 -8.26 10.75
N LEU A 264 -13.77 -8.97 9.79
CA LEU A 264 -13.02 -9.44 8.63
C LEU A 264 -12.60 -8.28 7.75
N SER A 265 -13.45 -7.26 7.64
CA SER A 265 -13.13 -6.13 6.81
C SER A 265 -12.12 -5.21 7.48
N GLN A 266 -12.14 -5.25 8.80
CA GLN A 266 -11.19 -4.46 9.60
C GLN A 266 -9.84 -5.16 9.51
N VAL A 267 -9.82 -6.47 9.32
CA VAL A 267 -8.60 -7.24 9.09
C VAL A 267 -8.06 -6.97 7.68
N MET A 268 -8.94 -7.01 6.68
CA MET A 268 -8.50 -6.85 5.31
C MET A 268 -8.04 -5.43 5.00
N GLY A 269 -8.57 -4.44 5.71
CA GLY A 269 -8.11 -3.08 5.49
C GLY A 269 -6.74 -2.79 6.06
N MET A 270 -6.29 -3.60 7.01
CA MET A 270 -4.96 -3.44 7.59
C MET A 270 -3.90 -4.31 6.91
N ALA A 271 -4.29 -5.10 5.91
CA ALA A 271 -3.34 -6.03 5.30
C ALA A 271 -2.30 -5.30 4.46
N TYR A 272 -2.74 -4.36 3.62
CA TYR A 272 -1.81 -3.62 2.78
C TYR A 272 -0.86 -2.72 3.58
N PRO A 273 -1.32 -1.83 4.49
CA PRO A 273 -0.36 -0.98 5.20
C PRO A 273 0.52 -1.70 6.21
N SER A 274 0.28 -2.98 6.48
CA SER A 274 1.14 -3.75 7.37
C SER A 274 2.16 -4.60 6.63
N CYS A 275 1.76 -5.26 5.55
CA CYS A 275 2.66 -6.13 4.82
C CYS A 275 3.47 -5.40 3.76
N HIS A 276 2.92 -4.35 3.13
CA HIS A 276 3.68 -3.69 2.09
C HIS A 276 4.85 -2.89 2.64
N SER A 277 4.78 -2.45 3.89
CA SER A 277 5.93 -1.78 4.48
C SER A 277 7.06 -2.76 4.77
N CYS A 278 6.72 -3.97 5.18
CA CYS A 278 7.72 -5.02 5.35
C CYS A 278 8.35 -5.40 4.02
N VAL A 279 7.55 -5.39 2.95
CA VAL A 279 8.09 -5.60 1.61
C VAL A 279 9.00 -4.45 1.20
N LEU A 280 8.63 -3.22 1.56
CA LEU A 280 9.45 -2.06 1.22
C LEU A 280 10.75 -2.03 1.99
N ILE A 281 10.78 -2.63 3.18
CA ILE A 281 12.04 -2.76 3.92
C ILE A 281 12.99 -3.68 3.19
N LEU A 282 12.51 -4.84 2.76
CA LEU A 282 13.30 -5.78 1.98
C LEU A 282 13.25 -5.33 0.53
N GLY A 283 14.16 -4.43 0.16
CA GLY A 283 14.12 -3.86 -1.17
C GLY A 283 14.63 -2.45 -1.26
N ASN A 284 14.90 -1.83 -0.12
CA ASN A 284 15.64 -0.58 -0.05
C ASN A 284 16.96 -0.85 0.65
N LYS A 285 18.05 -0.36 0.06
CA LYS A 285 19.38 -0.63 0.61
C LYS A 285 19.57 0.03 1.97
N LYS A 286 19.07 1.26 2.12
CA LYS A 286 19.17 1.97 3.39
C LYS A 286 18.38 1.27 4.48
N LEU A 287 17.17 0.81 4.17
CA LEU A 287 16.35 0.13 5.16
C LEU A 287 16.93 -1.23 5.52
N ARG A 288 17.49 -1.95 4.54
CA ARG A 288 18.12 -3.22 4.83
C ARG A 288 19.38 -3.05 5.69
N GLN A 289 20.17 -2.01 5.39
CA GLN A 289 21.36 -1.72 6.20
C GLN A 289 20.97 -1.33 7.62
N ALA A 290 19.91 -0.54 7.76
CA ALA A 290 19.42 -0.18 9.09
C ALA A 290 18.90 -1.39 9.84
N SER A 291 18.22 -2.30 9.16
CA SER A 291 17.74 -3.52 9.80
C SER A 291 18.90 -4.41 10.23
N LEU A 292 19.95 -4.49 9.40
CA LEU A 292 21.13 -5.26 9.78
C LEU A 292 21.85 -4.63 10.96
N SER A 293 21.93 -3.30 11.01
CA SER A 293 22.55 -2.64 12.16
C SER A 293 21.73 -2.83 13.42
N VAL A 294 20.40 -2.83 13.30
CA VAL A 294 19.53 -3.09 14.45
C VAL A 294 19.74 -4.51 14.97
N LEU A 295 19.76 -5.48 14.06
CA LEU A 295 20.01 -6.87 14.46
C LEU A 295 21.42 -7.09 14.97
N LEU A 296 22.37 -6.24 14.59
CA LEU A 296 23.72 -6.35 15.13
C LEU A 296 23.81 -5.77 16.53
N TRP A 297 23.33 -4.55 16.74
CA TRP A 297 23.48 -3.94 18.06
C TRP A 297 22.50 -4.51 19.07
N LEU A 298 21.43 -5.19 18.64
CA LEU A 298 20.57 -5.91 19.58
C LEU A 298 21.34 -7.05 20.23
N ARG A 299 22.15 -7.76 19.46
CA ARG A 299 23.00 -8.80 20.04
C ARG A 299 24.21 -8.21 20.75
C10 A1AEI B . 9.39 -2.20 -7.19
C13 A1AEI B . 6.39 -0.50 -8.68
C20 A1AEI B . 6.34 -0.10 -11.01
C21 A1AEI B . 7.58 -0.69 -11.13
C22 A1AEI B . 8.23 -1.17 -10.02
C01 A1AEI B . 10.74 -3.32 -3.95
C02 A1AEI B . 10.60 -3.04 -5.45
C03 A1AEI B . 11.58 -3.41 -6.34
C04 A1AEI B . 11.39 -3.13 -7.67
C05 A1AEI B . 12.45 -3.49 -8.69
C12 A1AEI B . 7.62 -1.07 -8.79
C14 A1AEI B . 5.76 -0.37 -7.30
C19 A1AEI B . 5.74 -0.02 -9.80
F06 A1AEI B . 13.52 -2.67 -8.43
F07 A1AEI B . 12.83 -4.80 -8.55
F08 A1AEI B . 11.97 -3.26 -9.93
N09 A1AEI B . 10.31 -2.54 -8.07
N11 A1AEI B . 8.17 -1.53 -7.54
N15 A1AEI B . 6.27 0.30 -6.22
N16 A1AEI B . 5.40 0.20 -5.20
N17 A1AEI B . 4.36 -0.47 -5.62
N18 A1AEI B . 4.57 -0.82 -6.90
N23 A1AEI B . 9.53 -2.45 -5.91
C1 CLR C . -18.23 -0.03 8.52
C2 CLR C . -18.59 -0.93 9.70
C3 CLR C . -18.60 -0.18 11.01
C4 CLR C . -17.42 0.76 11.11
C5 CLR C . -16.35 0.48 10.07
C6 CLR C . -15.10 0.20 10.42
C7 CLR C . -14.03 -0.22 9.47
C8 CLR C . -14.37 0.00 8.00
C9 CLR C . -15.85 -0.34 7.76
C10 CLR C . -16.80 0.55 8.61
C11 CLR C . -16.21 -0.33 6.26
C12 CLR C . -15.27 -1.18 5.41
C13 CLR C . -13.81 -0.76 5.60
C14 CLR C . -13.51 -0.88 7.10
C15 CLR C . -11.99 -0.78 7.21
C16 CLR C . -11.48 -1.42 5.90
C17 CLR C . -12.73 -1.72 5.03
C18 CLR C . -13.59 0.66 5.07
C19 CLR C . -16.79 2.02 8.16
C20 CLR C . -12.40 -1.69 3.52
C21 CLR C . -13.47 -2.36 2.66
C22 CLR C . -11.03 -2.33 3.28
C23 CLR C . -10.73 -2.67 1.84
C24 CLR C . -10.32 -4.10 1.64
C25 CLR C . -10.55 -4.66 0.24
C26 CLR C . -10.30 -6.15 0.19
C27 CLR C . -9.69 -3.94 -0.79
O1 CLR C . -19.82 0.55 11.12
#